data_2V1U
#
_entry.id   2V1U
#
_cell.length_a   75.700
_cell.length_b   75.700
_cell.length_c   395.110
_cell.angle_alpha   90.00
_cell.angle_beta   90.00
_cell.angle_gamma   120.00
#
_symmetry.space_group_name_H-M   'P 65 2 2'
#
loop_
_entity.id
_entity.type
_entity.pdbx_description
1 polymer 'CELL DIVISION CONTROL PROTEIN 6 HOMOLOG'
2 polymer "5'-D(*TP*CP*TP*CP*CP*AP*CP*AP*GP*GP *AP*AP*AP*CP*GP*GP*AP*GP*GP*GP*GP*T)-3'"
3 polymer "5'-D(*AP*CP*CP*CP*CP*TP*CP*CP*GP*TP *TP*TP*CP*CP*TP*GP*TP*GP*GP*AP*GP*A)-3'"
4 non-polymer "ADENOSINE-5'-DIPHOSPHATE"
5 non-polymer 'MAGNESIUM ION'
6 water water
#
loop_
_entity_poly.entity_id
_entity_poly.type
_entity_poly.pdbx_seq_one_letter_code
_entity_poly.pdbx_strand_id
1 'polypeptide(L)'
;LESKIFRKRWVLLPDYVPDVLPHREAELRRLAEVLAPALRGEKPSNALLYGLTGTGKTAVARLVLRRLEARASSLGVLVK
PIYVNARHRETPYRVASAIAEAVGVRVPFTGLSVGEVYERLVKRLSRLRGIYIIVLDEIDFLPKRPGGQDLLYRITRINQ
ELGDRVWVSLVGITNSLGFVENLEPRVKSSLGEVELVFPPYTAPQLRDILETRAEEAFNPGVLDPDVVPLCAALAAREHG
DARRALDLLRVAGEIAERRREERVRREHVYSARAEIERDRVSEVVRTLPLHAKLVLLSIMMLEDGGRPASTGEIYERYKE
LTSTLGLEHVTLRRVSGIISELDMLGIVKSRVVSRGRYGKTREVSLDADRLAVENALSEDPFVARLL
;
A
2 'polydeoxyribonucleotide'
;(DT)(DC)(DT)(DC)(DC)(DA)(DC)(DA)(DG)(DG)(DA)(DA)(DA)(DC)(DG)(DG)(DA)(DG)(DG)(DG)
(DG)(DT)
;
B
3 'polydeoxyribonucleotide'
;(DA)(DC)(DC)(DC)(DC)(DT)(DC)(DC)(DG)(DT)(DT)(DT)(DC)(DC)(DT)(DG)(DT)(DG)(DG)(DA)
(DG)(DA)
;
C
#
# COMPACT_ATOMS: atom_id res chain seq x y z
N LEU A 1 -1.75 -18.13 27.25
CA LEU A 1 -1.56 -18.72 25.89
C LEU A 1 -0.34 -18.11 25.21
N GLU A 2 0.82 -18.28 25.82
CA GLU A 2 2.01 -17.58 25.35
C GLU A 2 2.80 -18.44 24.35
N SER A 3 3.92 -17.91 23.86
CA SER A 3 4.98 -18.79 23.40
C SER A 3 6.34 -18.09 23.42
N LYS A 4 7.20 -18.57 24.31
CA LYS A 4 8.40 -19.25 23.89
C LYS A 4 8.78 -18.90 22.47
N ILE A 5 7.87 -18.82 21.49
CA ILE A 5 8.50 -18.08 20.35
C ILE A 5 8.36 -16.57 20.28
N PHE A 6 7.12 -16.10 20.41
CA PHE A 6 6.86 -14.66 20.50
C PHE A 6 6.74 -14.19 21.94
N ARG A 7 7.09 -12.93 22.18
CA ARG A 7 6.65 -12.28 23.40
C ARG A 7 5.70 -11.12 23.11
N LYS A 8 5.82 -10.56 21.90
CA LYS A 8 4.88 -9.56 21.42
C LYS A 8 4.75 -9.63 19.90
N ARG A 9 3.94 -10.57 19.43
CA ARG A 9 3.74 -10.73 17.99
C ARG A 9 3.21 -9.42 17.43
N TRP A 10 2.21 -8.84 18.08
CA TRP A 10 1.49 -7.71 17.50
C TRP A 10 2.43 -6.57 17.17
N VAL A 11 3.47 -6.40 17.99
CA VAL A 11 4.48 -5.41 17.73
C VAL A 11 4.99 -5.50 16.29
N LEU A 12 5.11 -6.72 15.79
CA LEU A 12 5.49 -6.95 14.40
C LEU A 12 4.33 -6.68 13.45
N LEU A 13 3.11 -6.68 13.96
CA LEU A 13 1.95 -6.61 13.07
C LEU A 13 1.98 -5.29 12.30
N PRO A 14 1.24 -5.23 11.19
CA PRO A 14 1.38 -4.12 10.25
C PRO A 14 0.90 -2.75 10.78
N ASP A 15 0.53 -2.67 12.06
CA ASP A 15 0.00 -1.41 12.58
C ASP A 15 0.89 -0.76 13.63
N TYR A 16 1.53 -1.58 14.46
CA TYR A 16 2.33 -1.05 15.55
C TYR A 16 3.25 0.00 14.94
N VAL A 17 2.99 1.26 15.23
CA VAL A 17 4.01 2.29 15.04
C VAL A 17 4.92 2.30 16.27
N PRO A 18 6.19 1.93 16.08
CA PRO A 18 7.14 1.89 17.18
C PRO A 18 7.50 3.30 17.64
N ASP A 19 8.36 3.38 18.65
CA ASP A 19 8.65 4.66 19.29
C ASP A 19 10.10 5.08 19.09
N VAL A 20 10.93 4.14 18.63
CA VAL A 20 12.18 4.47 17.97
C VAL A 20 12.14 3.96 16.52
N LEU A 21 12.69 4.75 15.60
CA LEU A 21 12.81 4.35 14.21
C LEU A 21 14.25 4.55 13.75
N PRO A 22 15.04 3.47 13.77
CA PRO A 22 16.44 3.60 13.40
C PRO A 22 16.60 4.07 11.96
N HIS A 23 17.56 4.98 11.73
CA HIS A 23 17.97 5.37 10.40
C HIS A 23 17.03 6.35 9.70
N ARG A 24 15.89 6.62 10.32
CA ARG A 24 15.02 7.70 9.87
C ARG A 24 14.77 8.68 11.00
N GLU A 25 15.84 9.10 11.66
CA GLU A 25 15.78 10.15 12.67
C GLU A 25 15.62 11.54 12.05
N ALA A 26 16.30 11.79 10.95
CA ALA A 26 16.28 13.11 10.32
C ALA A 26 14.89 13.43 9.78
N GLU A 27 14.30 12.45 9.10
CA GLU A 27 12.94 12.57 8.58
C GLU A 27 11.97 12.72 9.74
N LEU A 28 12.27 12.01 10.83
CA LEU A 28 11.54 12.17 12.08
C LEU A 28 11.69 13.58 12.61
N ARG A 29 12.92 14.08 12.65
CA ARG A 29 13.22 15.35 13.30
C ARG A 29 12.68 16.53 12.50
N ARG A 30 12.79 16.46 11.18
CA ARG A 30 12.26 17.51 10.32
C ARG A 30 10.75 17.67 10.49
N LEU A 31 9.99 16.61 10.20
CA LEU A 31 8.55 16.63 10.38
C LEU A 31 8.18 17.15 11.77
N ALA A 32 9.04 16.85 12.75
CA ALA A 32 8.86 17.36 14.11
C ALA A 32 9.06 18.88 14.16
N GLU A 33 10.10 19.37 13.48
CA GLU A 33 10.40 20.78 13.48
C GLU A 33 9.54 21.58 12.49
N VAL A 34 8.67 20.88 11.78
CA VAL A 34 7.73 21.52 10.87
C VAL A 34 6.29 21.51 11.38
N LEU A 35 6.06 20.81 12.48
CA LEU A 35 4.73 20.74 13.07
C LEU A 35 4.67 21.20 14.53
N ALA A 36 5.81 21.23 15.20
CA ALA A 36 5.88 21.69 16.58
C ALA A 36 5.26 23.08 16.79
N PRO A 37 5.52 24.02 15.87
CA PRO A 37 5.03 25.40 16.02
C PRO A 37 3.52 25.54 16.22
N ALA A 38 2.74 24.54 15.86
CA ALA A 38 1.32 24.53 16.18
C ALA A 38 1.10 24.25 17.66
N LEU A 39 2.20 24.03 18.37
CA LEU A 39 2.18 23.59 19.75
C LEU A 39 2.17 24.77 20.72
N ARG A 40 3.07 25.72 20.48
CA ARG A 40 2.97 27.05 21.06
C ARG A 40 2.11 27.91 20.14
N GLY A 41 2.78 28.59 19.21
CA GLY A 41 2.67 28.28 17.77
C GLY A 41 1.29 28.31 17.13
N GLU A 42 1.29 28.47 15.81
CA GLU A 42 0.28 27.87 14.94
C GLU A 42 0.71 27.81 13.48
N LYS A 43 -0.26 28.00 12.60
CA LYS A 43 -0.45 27.12 11.44
C LYS A 43 0.87 26.68 10.81
N PRO A 44 1.17 25.37 10.88
CA PRO A 44 2.38 24.82 10.27
C PRO A 44 2.34 24.78 8.75
N SER A 45 3.51 24.98 8.15
CA SER A 45 3.66 24.98 6.70
C SER A 45 3.37 23.60 6.14
N ASN A 46 2.64 23.56 5.03
CA ASN A 46 2.24 22.30 4.38
C ASN A 46 3.43 21.53 3.82
N ALA A 47 3.32 20.22 3.77
CA ALA A 47 4.50 19.39 3.48
C ALA A 47 4.15 18.02 2.92
N LEU A 48 5.18 17.37 2.36
CA LEU A 48 4.99 16.32 1.37
C LEU A 48 6.16 15.37 1.42
N LEU A 49 5.87 14.07 1.28
CA LEU A 49 6.89 13.04 1.38
C LEU A 49 6.75 12.05 0.24
N TYR A 50 7.48 12.26 -0.85
CA TYR A 50 7.67 11.19 -1.82
C TYR A 50 8.71 10.17 -1.33
N GLY A 51 8.52 8.93 -1.75
CA GLY A 51 9.45 7.84 -1.42
C GLY A 51 8.89 6.52 -1.90
N LEU A 52 9.65 5.45 -1.69
CA LEU A 52 9.18 4.12 -2.08
C LEU A 52 8.63 3.28 -0.93
N THR A 53 7.96 2.18 -1.27
CA THR A 53 7.27 1.35 -0.28
C THR A 53 8.30 0.70 0.64
N GLY A 54 7.99 0.71 1.94
CA GLY A 54 8.86 0.09 2.92
C GLY A 54 9.99 1.01 3.31
N THR A 55 9.85 2.29 3.01
CA THR A 55 10.84 3.27 3.42
C THR A 55 10.55 3.84 4.80
N GLY A 56 9.34 3.56 5.30
CA GLY A 56 8.97 3.98 6.65
C GLY A 56 8.42 5.39 6.70
N LYS A 57 7.79 5.81 5.62
CA LYS A 57 7.17 7.13 5.57
C LYS A 57 6.02 7.16 6.57
N THR A 58 5.02 6.33 6.32
CA THR A 58 3.87 6.19 7.22
C THR A 58 4.27 6.02 8.68
N ALA A 59 5.19 5.11 8.96
CA ALA A 59 5.74 4.93 10.31
C ALA A 59 6.05 6.28 10.95
N VAL A 60 6.88 7.07 10.30
CA VAL A 60 7.32 8.36 10.83
C VAL A 60 6.14 9.29 11.09
N ALA A 61 5.46 9.69 10.02
CA ALA A 61 4.37 10.64 10.12
C ALA A 61 3.44 10.31 11.28
N ARG A 62 2.93 9.07 11.26
CA ARG A 62 2.06 8.59 12.33
C ARG A 62 2.67 8.75 13.71
N LEU A 63 3.98 8.50 13.82
CA LEU A 63 4.68 8.75 15.07
C LEU A 63 4.69 10.23 15.46
N VAL A 64 5.33 11.06 14.65
CA VAL A 64 5.31 12.50 14.92
C VAL A 64 3.91 12.91 15.38
N LEU A 65 2.90 12.40 14.69
CA LEU A 65 1.51 12.71 14.99
C LEU A 65 1.09 12.24 16.38
N ARG A 66 1.52 11.02 16.73
CA ARG A 66 1.27 10.51 18.07
C ARG A 66 1.82 11.50 19.09
N ARG A 67 3.09 11.84 18.92
CA ARG A 67 3.78 12.73 19.84
C ARG A 67 3.18 14.13 19.89
N LEU A 68 2.94 14.72 18.72
CA LEU A 68 2.30 16.02 18.63
C LEU A 68 1.02 16.09 19.47
N GLU A 69 0.35 14.96 19.58
CA GLU A 69 -0.89 14.84 20.34
C GLU A 69 -0.54 14.66 21.81
N ALA A 70 0.53 13.91 22.06
CA ALA A 70 0.96 13.59 23.41
C ALA A 70 1.27 14.86 24.19
N ARG A 71 1.78 15.87 23.47
CA ARG A 71 2.13 17.13 24.08
C ARG A 71 0.88 17.98 24.23
N ALA A 72 0.18 18.16 23.11
CA ALA A 72 -1.05 18.96 23.09
C ALA A 72 -2.03 18.51 24.18
N SER A 73 -2.04 17.21 24.44
CA SER A 73 -2.95 16.65 25.43
C SER A 73 -2.47 16.96 26.84
N SER A 74 -1.17 17.17 26.97
CA SER A 74 -0.58 17.56 28.25
C SER A 74 -0.59 19.07 28.42
N LEU A 75 -0.41 19.79 27.32
CA LEU A 75 -0.44 21.24 27.35
C LEU A 75 -1.87 21.78 27.44
N GLY A 76 -2.76 21.27 26.61
CA GLY A 76 -4.16 21.69 26.63
C GLY A 76 -4.43 22.80 25.65
N VAL A 77 -3.58 22.90 24.64
CA VAL A 77 -3.91 23.62 23.42
C VAL A 77 -4.50 22.64 22.42
N LEU A 78 -5.78 22.83 22.08
CA LEU A 78 -6.41 21.98 21.07
C LEU A 78 -5.52 21.88 19.85
N VAL A 79 -5.18 20.66 19.45
CA VAL A 79 -4.42 20.44 18.23
C VAL A 79 -4.78 19.08 17.65
N LYS A 80 -5.80 19.04 16.80
CA LYS A 80 -6.28 17.77 16.28
C LYS A 80 -5.44 17.33 15.08
N PRO A 81 -4.89 16.10 15.15
CA PRO A 81 -4.30 15.45 13.99
C PRO A 81 -5.26 14.40 13.46
N ILE A 82 -5.45 14.37 12.14
CA ILE A 82 -6.28 13.36 11.50
C ILE A 82 -5.49 12.60 10.44
N TYR A 83 -5.60 11.27 10.46
CA TYR A 83 -4.93 10.42 9.50
C TYR A 83 -5.93 9.86 8.49
N VAL A 84 -5.72 10.15 7.21
CA VAL A 84 -6.49 9.51 6.14
C VAL A 84 -5.65 8.78 5.10
N ASN A 85 -6.04 7.54 4.83
CA ASN A 85 -5.34 6.68 3.88
C ASN A 85 -6.06 6.62 2.54
N ALA A 86 -5.49 7.23 1.51
CA ALA A 86 -6.14 7.36 0.22
C ALA A 86 -6.33 6.01 -0.47
N ARG A 87 -5.35 5.13 -0.31
CA ARG A 87 -5.33 3.86 -1.02
C ARG A 87 -6.35 2.89 -0.45
N HIS A 88 -6.31 2.67 0.87
CA HIS A 88 -7.16 1.64 1.45
C HIS A 88 -8.64 2.00 1.32
N ARG A 89 -8.92 3.27 1.10
CA ARG A 89 -10.27 3.69 0.78
C ARG A 89 -10.28 4.78 -0.29
N GLU A 90 -10.54 4.37 -1.52
CA GLU A 90 -9.69 4.71 -2.68
C GLU A 90 -10.04 6.01 -3.38
N THR A 91 -11.30 6.42 -3.29
CA THR A 91 -11.89 7.39 -4.21
C THR A 91 -11.84 8.82 -3.66
N PRO A 92 -12.02 9.82 -4.52
CA PRO A 92 -12.01 11.23 -4.11
C PRO A 92 -13.10 11.51 -3.09
N TYR A 93 -14.31 11.05 -3.39
CA TYR A 93 -15.40 11.05 -2.41
C TYR A 93 -14.95 10.57 -1.04
N ARG A 94 -14.72 9.26 -0.92
CA ARG A 94 -14.42 8.66 0.37
C ARG A 94 -13.33 9.40 1.11
N VAL A 95 -12.32 9.87 0.38
CA VAL A 95 -11.18 10.53 1.01
C VAL A 95 -11.65 11.78 1.76
N ALA A 96 -12.64 12.47 1.19
CA ALA A 96 -13.33 13.54 1.90
C ALA A 96 -14.25 12.96 2.97
N SER A 97 -15.22 12.16 2.55
CA SER A 97 -16.16 11.54 3.47
C SER A 97 -15.45 11.08 4.74
N ALA A 98 -14.24 10.58 4.59
CA ALA A 98 -13.43 10.17 5.72
C ALA A 98 -12.97 11.37 6.53
N ILE A 99 -12.17 12.22 5.89
CA ILE A 99 -11.57 13.37 6.57
C ILE A 99 -12.64 14.22 7.26
N ALA A 100 -13.86 14.16 6.76
CA ALA A 100 -15.00 14.77 7.45
C ALA A 100 -15.21 14.09 8.80
N GLU A 101 -15.49 12.80 8.76
CA GLU A 101 -15.92 12.06 9.95
C GLU A 101 -15.08 12.34 11.20
N ALA A 102 -13.76 12.41 11.01
CA ALA A 102 -12.85 12.58 12.14
C ALA A 102 -13.16 13.82 12.96
N VAL A 103 -13.62 14.87 12.29
CA VAL A 103 -14.09 16.05 13.02
C VAL A 103 -15.53 15.90 13.49
N GLY A 104 -16.25 14.92 12.95
CA GLY A 104 -17.51 14.48 13.54
C GLY A 104 -18.71 14.76 12.66
N VAL A 105 -18.85 13.97 11.60
CA VAL A 105 -19.91 14.16 10.62
C VAL A 105 -20.49 12.82 10.17
N ARG A 106 -21.63 12.87 9.47
CA ARG A 106 -22.34 11.65 9.07
C ARG A 106 -21.73 10.98 7.83
N VAL A 107 -21.73 9.65 7.84
CA VAL A 107 -21.25 8.86 6.71
C VAL A 107 -22.40 8.40 5.82
N PRO A 108 -23.00 9.34 5.06
CA PRO A 108 -23.79 8.80 3.97
C PRO A 108 -22.76 8.18 3.03
N PHE A 109 -22.97 6.92 2.67
CA PHE A 109 -21.89 6.12 2.09
C PHE A 109 -21.79 6.32 0.58
N THR A 110 -22.93 6.26 -0.10
CA THR A 110 -23.19 7.19 -1.18
C THR A 110 -24.35 8.08 -0.77
N GLY A 111 -24.21 9.38 -1.04
CA GLY A 111 -25.39 10.23 -1.23
C GLY A 111 -25.14 11.25 -2.33
N LEU A 112 -23.87 11.60 -2.49
CA LEU A 112 -23.45 12.99 -2.38
C LEU A 112 -23.03 13.58 -3.71
N SER A 113 -22.54 14.81 -3.66
CA SER A 113 -21.56 15.30 -4.62
C SER A 113 -20.33 15.69 -3.81
N VAL A 114 -19.18 15.14 -4.20
CA VAL A 114 -17.94 15.40 -3.48
C VAL A 114 -17.92 16.79 -2.87
N GLY A 115 -18.47 17.76 -3.61
CA GLY A 115 -18.59 19.14 -3.13
C GLY A 115 -19.55 19.28 -1.97
N GLU A 116 -20.66 18.56 -2.02
CA GLU A 116 -21.61 18.54 -0.91
C GLU A 116 -20.93 18.10 0.39
N VAL A 117 -20.18 17.01 0.36
CA VAL A 117 -19.49 16.51 1.54
C VAL A 117 -18.25 17.34 1.88
N TYR A 118 -17.71 18.01 0.87
CA TYR A 118 -16.66 18.98 1.13
C TYR A 118 -17.19 20.17 1.91
N GLU A 119 -18.34 20.70 1.48
CA GLU A 119 -19.03 21.75 2.21
C GLU A 119 -19.23 21.41 3.69
N ARG A 120 -19.92 20.30 3.94
CA ARG A 120 -20.20 19.86 5.30
C ARG A 120 -18.93 19.83 6.14
N LEU A 121 -17.84 19.40 5.52
CA LEU A 121 -16.54 19.40 6.17
C LEU A 121 -16.24 20.77 6.77
N VAL A 122 -16.16 21.78 5.91
CA VAL A 122 -15.70 23.11 6.31
C VAL A 122 -16.67 23.80 7.27
N LYS A 123 -17.82 23.17 7.51
CA LYS A 123 -18.83 23.73 8.40
C LYS A 123 -18.74 23.28 9.86
N ARG A 124 -18.81 21.98 10.13
CA ARG A 124 -18.52 21.47 11.48
C ARG A 124 -17.07 21.80 11.81
N LEU A 125 -16.28 21.92 10.74
CA LEU A 125 -14.91 22.39 10.86
C LEU A 125 -14.89 23.84 11.32
N SER A 126 -15.35 24.74 10.46
CA SER A 126 -15.52 26.13 10.87
C SER A 126 -16.85 26.36 11.59
N ARG A 127 -17.05 25.61 12.67
CA ARG A 127 -17.93 26.02 13.75
C ARG A 127 -17.19 25.72 15.06
N LEU A 128 -16.31 24.73 15.03
CA LEU A 128 -15.44 24.51 16.18
C LEU A 128 -13.93 24.59 15.96
N ARG A 129 -13.21 24.75 17.07
CA ARG A 129 -12.26 25.82 17.25
C ARG A 129 -10.89 25.26 17.61
N GLY A 130 -9.97 25.25 16.64
CA GLY A 130 -8.60 24.83 16.91
C GLY A 130 -7.76 24.81 15.65
N ILE A 131 -6.58 24.21 15.75
CA ILE A 131 -5.76 23.96 14.57
C ILE A 131 -5.51 22.48 14.32
N TYR A 132 -5.68 22.07 13.07
CA TYR A 132 -5.86 20.68 12.72
C TYR A 132 -4.86 20.33 11.62
N ILE A 133 -4.24 19.15 11.73
CA ILE A 133 -3.33 18.68 10.69
C ILE A 133 -3.94 17.47 9.99
N ILE A 134 -4.14 17.58 8.68
CA ILE A 134 -4.53 16.44 7.87
C ILE A 134 -3.31 15.72 7.32
N VAL A 135 -3.34 14.38 7.40
CA VAL A 135 -2.32 13.57 6.76
C VAL A 135 -2.95 12.65 5.72
N LEU A 136 -2.69 12.94 4.44
CA LEU A 136 -3.31 12.20 3.36
C LEU A 136 -2.28 11.25 2.77
N ASP A 137 -2.11 10.10 3.43
CA ASP A 137 -1.12 9.12 3.02
C ASP A 137 -1.50 8.52 1.67
N GLU A 138 -0.59 8.65 0.71
CA GLU A 138 -0.74 8.01 -0.60
C GLU A 138 -1.75 8.73 -1.49
N ILE A 139 -1.55 10.04 -1.67
CA ILE A 139 -2.50 10.85 -2.42
C ILE A 139 -2.37 10.68 -3.92
N ASP A 140 -1.28 10.08 -4.37
CA ASP A 140 -1.06 9.83 -5.81
C ASP A 140 -2.31 9.21 -6.42
N PHE A 141 -2.91 8.29 -5.68
CA PHE A 141 -4.18 7.68 -6.06
C PHE A 141 -5.26 8.71 -6.31
N LEU A 142 -5.48 9.57 -5.31
CA LEU A 142 -6.29 10.76 -5.48
C LEU A 142 -6.30 11.27 -6.93
N PRO A 143 -5.19 11.90 -7.38
CA PRO A 143 -5.20 12.48 -8.71
C PRO A 143 -5.32 11.44 -9.82
N LYS A 144 -5.02 10.18 -9.50
CA LYS A 144 -5.23 9.10 -10.47
C LYS A 144 -6.59 9.24 -11.13
N ARG A 145 -7.56 9.74 -10.37
CA ARG A 145 -8.96 9.70 -10.80
C ARG A 145 -9.71 11.01 -10.56
N PRO A 146 -10.86 11.18 -11.23
CA PRO A 146 -11.51 12.47 -11.47
C PRO A 146 -11.89 13.21 -10.19
N GLY A 147 -12.00 14.53 -10.28
CA GLY A 147 -12.11 15.36 -9.09
C GLY A 147 -10.98 15.11 -8.12
N GLY A 148 -10.16 14.11 -8.41
CA GLY A 148 -8.95 13.86 -7.63
C GLY A 148 -8.08 15.10 -7.53
N GLN A 149 -7.57 15.55 -8.66
CA GLN A 149 -6.78 16.78 -8.71
C GLN A 149 -7.52 18.00 -8.13
N ASP A 150 -8.84 18.01 -8.29
CA ASP A 150 -9.65 19.16 -7.88
C ASP A 150 -9.78 19.23 -6.35
N LEU A 151 -10.03 18.08 -5.74
CA LEU A 151 -10.21 17.98 -4.29
C LEU A 151 -8.93 18.32 -3.54
N LEU A 152 -7.88 17.56 -3.82
CA LEU A 152 -6.51 17.99 -3.53
C LEU A 152 -6.40 19.51 -3.44
N TYR A 153 -6.69 20.19 -4.54
CA TYR A 153 -6.55 21.64 -4.57
C TYR A 153 -7.37 22.28 -3.46
N ARG A 154 -8.69 22.12 -3.52
CA ARG A 154 -9.56 22.63 -2.47
C ARG A 154 -8.90 22.49 -1.10
N ILE A 155 -8.55 21.26 -0.73
CA ILE A 155 -8.05 20.96 0.60
C ILE A 155 -6.82 21.78 0.96
N THR A 156 -5.94 22.00 -0.01
CA THR A 156 -4.80 22.89 0.19
C THR A 156 -5.25 24.35 0.29
N ARG A 157 -6.44 24.65 -0.21
CA ARG A 157 -7.02 25.99 -0.08
C ARG A 157 -7.85 26.08 1.18
N ILE A 158 -8.26 24.93 1.70
CA ILE A 158 -9.13 24.87 2.87
C ILE A 158 -8.79 25.93 3.92
N ASN A 159 -7.50 26.11 4.19
CA ASN A 159 -7.08 26.93 5.32
C ASN A 159 -7.68 28.33 5.36
N GLN A 160 -8.13 28.85 4.23
CA GLN A 160 -8.65 30.22 4.22
C GLN A 160 -10.15 30.46 4.03
N GLU A 161 -10.93 29.42 3.76
CA GLU A 161 -12.34 29.51 4.14
C GLU A 161 -12.31 29.79 5.64
N LEU A 162 -11.47 30.77 5.97
CA LEU A 162 -11.14 31.24 7.32
C LEU A 162 -9.63 31.22 7.56
N VAL A 168 -5.41 25.57 8.80
CA VAL A 168 -5.32 24.12 8.70
C VAL A 168 -4.21 23.66 7.75
N SER A 169 -3.67 22.48 8.03
CA SER A 169 -2.38 22.06 7.49
C SER A 169 -2.46 20.68 6.84
N LEU A 170 -1.60 20.45 5.84
CA LEU A 170 -1.60 19.18 5.13
C LEU A 170 -0.25 18.48 5.14
N VAL A 171 -0.28 17.18 5.33
CA VAL A 171 0.88 16.31 5.10
C VAL A 171 0.53 15.27 4.03
N GLY A 172 0.97 15.52 2.80
CA GLY A 172 0.77 14.58 1.72
C GLY A 172 1.87 13.52 1.69
N ILE A 173 1.47 12.27 1.52
CA ILE A 173 2.44 11.18 1.37
C ILE A 173 2.17 10.40 0.09
N THR A 174 3.23 10.06 -0.63
CA THR A 174 3.14 9.05 -1.68
C THR A 174 4.44 8.27 -1.85
N ASN A 175 4.55 7.58 -2.99
CA ASN A 175 5.66 6.68 -3.24
C ASN A 175 6.19 6.73 -4.67
N SER A 176 6.29 7.94 -5.22
CA SER A 176 6.76 8.10 -6.59
C SER A 176 7.03 9.56 -6.92
N LEU A 177 8.30 9.91 -7.10
CA LEU A 177 8.65 11.20 -7.68
C LEU A 177 7.75 11.43 -8.89
N GLY A 178 7.30 10.32 -9.49
CA GLY A 178 6.29 10.36 -10.54
C GLY A 178 5.01 11.02 -10.09
N PHE A 179 5.14 12.06 -9.29
CA PHE A 179 3.99 12.78 -8.76
C PHE A 179 4.23 14.28 -8.68
N VAL A 180 5.49 14.69 -8.53
CA VAL A 180 5.90 16.06 -8.76
C VAL A 180 5.37 16.59 -10.09
N GLU A 181 4.72 15.72 -10.87
CA GLU A 181 4.39 16.02 -12.25
C GLU A 181 2.89 16.02 -12.56
N ASN A 182 2.19 14.97 -12.15
CA ASN A 182 0.73 15.01 -12.10
C ASN A 182 0.22 15.77 -10.88
N LEU A 183 1.08 16.64 -10.35
CA LEU A 183 0.61 17.89 -9.80
C LEU A 183 0.56 18.96 -10.90
N GLU A 184 -0.64 19.46 -11.15
CA GLU A 184 -0.78 20.87 -11.51
C GLU A 184 0.13 21.66 -10.58
N PRO A 185 1.12 22.37 -11.16
CA PRO A 185 2.18 23.05 -10.42
C PRO A 185 1.60 23.86 -9.27
N ARG A 186 0.43 24.45 -9.51
CA ARG A 186 -0.39 25.04 -8.46
C ARG A 186 -0.57 24.09 -7.28
N VAL A 187 -1.33 23.02 -7.50
CA VAL A 187 -1.44 21.91 -6.55
C VAL A 187 -0.08 21.51 -6.00
N LYS A 188 0.86 21.23 -6.90
CA LYS A 188 2.23 20.86 -6.54
C LYS A 188 2.80 21.81 -5.49
N SER A 189 2.41 23.08 -5.58
CA SER A 189 3.18 24.15 -4.97
C SER A 189 2.81 24.37 -3.52
N SER A 190 1.78 23.67 -3.06
CA SER A 190 1.48 23.65 -1.63
C SER A 190 1.26 22.26 -1.06
N LEU A 191 0.94 21.28 -1.90
CA LEU A 191 0.87 19.91 -1.40
C LEU A 191 2.20 19.53 -0.76
N GLY A 192 3.20 20.39 -0.94
CA GLY A 192 4.50 20.21 -0.30
C GLY A 192 5.36 21.46 -0.28
N GLU A 193 5.16 22.28 0.75
CA GLU A 193 6.08 23.39 1.03
C GLU A 193 7.39 22.88 1.64
N VAL A 194 7.33 21.80 2.41
CA VAL A 194 8.56 21.09 2.75
C VAL A 194 8.68 19.74 2.05
N GLU A 195 9.73 19.63 1.27
CA GLU A 195 10.10 18.42 0.53
C GLU A 195 10.62 17.35 1.49
N LEU A 196 9.75 16.51 2.03
CA LEU A 196 10.27 15.45 2.91
C LEU A 196 10.45 14.12 2.20
N VAL A 197 11.71 13.74 1.99
CA VAL A 197 12.02 12.62 1.12
C VAL A 197 12.81 11.50 1.76
N PHE A 198 12.31 10.27 1.53
CA PHE A 198 12.80 9.10 2.23
C PHE A 198 13.67 8.27 1.31
N PRO A 199 14.99 8.51 1.36
CA PRO A 199 15.94 7.68 0.64
C PRO A 199 16.06 6.32 1.31
N PRO A 200 16.04 5.25 0.51
CA PRO A 200 15.82 3.89 1.01
C PRO A 200 17.00 3.29 1.78
N TYR A 201 16.92 1.98 1.96
CA TYR A 201 17.54 1.28 3.08
C TYR A 201 18.64 0.37 2.55
N THR A 202 19.89 0.71 2.83
CA THR A 202 20.98 -0.24 2.72
C THR A 202 20.63 -1.48 3.54
N ALA A 203 21.24 -2.61 3.20
CA ALA A 203 20.94 -3.86 3.89
C ALA A 203 21.25 -3.79 5.38
N PRO A 204 22.46 -3.34 5.75
CA PRO A 204 22.80 -3.28 7.17
C PRO A 204 21.89 -2.32 7.92
N GLN A 205 21.07 -1.58 7.18
CA GLN A 205 20.05 -0.72 7.79
C GLN A 205 18.83 -1.55 8.16
N LEU A 206 18.32 -2.30 7.20
CA LEU A 206 17.26 -3.26 7.48
C LEU A 206 17.70 -4.17 8.61
N ARG A 207 18.90 -4.73 8.48
CA ARG A 207 19.60 -5.35 9.61
C ARG A 207 19.21 -4.67 10.92
N ASP A 208 19.62 -3.42 11.09
CA ASP A 208 19.50 -2.71 12.36
C ASP A 208 18.06 -2.51 12.80
N ILE A 209 17.17 -2.26 11.84
CA ILE A 209 15.74 -2.10 12.15
C ILE A 209 15.18 -3.36 12.82
N LEU A 210 15.10 -4.45 12.06
CA LEU A 210 14.65 -5.73 12.58
C LEU A 210 15.29 -6.02 13.93
N GLU A 211 16.63 -5.97 13.97
CA GLU A 211 17.37 -6.06 15.22
C GLU A 211 16.54 -5.46 16.35
N THR A 212 16.18 -4.19 16.17
CA THR A 212 15.43 -3.44 17.17
C THR A 212 14.07 -4.07 17.41
N ARG A 213 13.28 -4.17 16.35
CA ARG A 213 11.93 -4.71 16.48
C ARG A 213 11.99 -6.09 17.10
N ALA A 214 13.18 -6.67 17.09
CA ALA A 214 13.39 -8.06 17.47
C ALA A 214 13.45 -8.24 18.99
N GLU A 215 14.08 -7.31 19.69
CA GLU A 215 14.04 -7.31 21.15
C GLU A 215 12.59 -7.16 21.63
N GLU A 216 11.85 -6.27 20.98
CA GLU A 216 10.46 -5.99 21.34
C GLU A 216 9.60 -7.25 21.27
N ALA A 217 9.70 -7.97 20.15
CA ALA A 217 8.70 -8.97 19.78
C ALA A 217 9.09 -10.37 20.21
N PHE A 218 10.34 -10.75 19.98
CA PHE A 218 10.78 -12.12 20.24
C PHE A 218 11.24 -12.34 21.68
N ASN A 219 11.24 -13.59 22.12
CA ASN A 219 11.97 -13.97 23.33
C ASN A 219 13.46 -14.08 23.04
N PRO A 220 14.29 -13.88 24.08
CA PRO A 220 15.64 -13.37 23.90
C PRO A 220 16.71 -14.43 23.72
N GLY A 221 16.47 -15.37 22.81
CA GLY A 221 17.52 -16.29 22.37
C GLY A 221 17.00 -17.11 21.21
N VAL A 222 15.69 -17.05 21.03
CA VAL A 222 14.99 -17.94 20.13
C VAL A 222 15.31 -17.58 18.69
N LEU A 223 15.43 -16.28 18.44
CA LEU A 223 15.83 -15.79 17.12
C LEU A 223 17.30 -16.13 16.89
N ASP A 224 17.55 -16.97 15.89
CA ASP A 224 18.90 -17.45 15.60
C ASP A 224 19.81 -16.29 15.23
N PRO A 225 21.12 -16.56 15.11
CA PRO A 225 22.07 -15.57 14.59
C PRO A 225 22.12 -15.46 13.07
N ASP A 226 21.96 -14.20 12.61
CA ASP A 226 22.09 -13.84 11.18
C ASP A 226 20.84 -14.06 10.33
N VAL A 227 19.82 -14.71 10.88
CA VAL A 227 18.51 -14.78 10.23
C VAL A 227 18.02 -13.41 9.78
N VAL A 228 18.28 -12.40 10.61
CA VAL A 228 17.87 -11.03 10.30
C VAL A 228 18.69 -10.48 9.14
N PRO A 229 20.01 -10.68 9.17
CA PRO A 229 20.83 -10.40 7.99
C PRO A 229 20.22 -10.94 6.71
N LEU A 230 19.62 -12.12 6.80
CA LEU A 230 19.00 -12.76 5.64
C LEU A 230 17.71 -12.09 5.21
N CYS A 231 16.82 -11.81 6.16
CA CYS A 231 15.62 -11.04 5.88
C CYS A 231 15.95 -9.74 5.16
N ALA A 232 16.93 -9.02 5.71
CA ALA A 232 17.51 -7.88 5.02
C ALA A 232 17.91 -8.23 3.58
N ALA A 233 18.68 -9.30 3.41
CA ALA A 233 19.13 -9.68 2.08
C ALA A 233 17.98 -9.79 1.10
N LEU A 234 16.91 -10.48 1.49
CA LEU A 234 15.76 -10.67 0.62
C LEU A 234 15.02 -9.35 0.37
N ALA A 235 14.91 -8.53 1.41
CA ALA A 235 14.21 -7.26 1.29
C ALA A 235 15.06 -6.20 0.57
N ALA A 236 16.36 -6.42 0.56
CA ALA A 236 17.28 -5.49 -0.09
C ALA A 236 17.40 -5.85 -1.56
N ARG A 237 17.06 -7.09 -1.87
CA ARG A 237 17.33 -7.70 -3.18
C ARG A 237 16.76 -6.91 -4.35
N GLU A 238 16.04 -5.84 -4.04
CA GLU A 238 15.19 -5.16 -5.00
C GLU A 238 15.36 -3.65 -4.83
N HIS A 239 14.41 -3.06 -4.10
CA HIS A 239 14.61 -1.78 -3.45
C HIS A 239 14.28 -2.00 -1.97
N GLY A 240 14.91 -1.24 -1.08
CA GLY A 240 14.77 -1.49 0.35
C GLY A 240 13.33 -1.36 0.82
N ASP A 241 12.82 -2.40 1.48
CA ASP A 241 11.41 -2.43 1.89
C ASP A 241 11.22 -3.26 3.16
N ALA A 242 10.94 -2.56 4.26
CA ALA A 242 11.04 -3.12 5.60
C ALA A 242 9.78 -3.87 6.03
N ARG A 243 8.63 -3.41 5.57
CA ARG A 243 7.43 -4.24 5.58
C ARG A 243 7.87 -5.67 5.29
N ARG A 244 8.38 -5.88 4.08
CA ARG A 244 8.75 -7.21 3.62
C ARG A 244 9.83 -7.82 4.51
N ALA A 245 10.82 -7.03 4.91
CA ALA A 245 11.79 -7.48 5.90
C ALA A 245 11.08 -7.98 7.16
N LEU A 246 10.14 -7.19 7.64
CA LEU A 246 9.44 -7.49 8.89
C LEU A 246 8.39 -8.56 8.65
N ASP A 247 7.55 -8.32 7.65
CA ASP A 247 6.71 -9.38 7.09
C ASP A 247 7.46 -10.71 7.16
N LEU A 248 8.59 -10.78 6.46
CA LEU A 248 9.40 -11.98 6.45
C LEU A 248 9.67 -12.53 7.84
N LEU A 249 10.46 -11.79 8.61
CA LEU A 249 10.99 -12.30 9.86
C LEU A 249 9.88 -12.66 10.84
N ARG A 250 8.70 -12.08 10.63
CA ARG A 250 7.58 -12.39 11.51
C ARG A 250 6.76 -13.59 11.05
N VAL A 251 6.51 -13.69 9.75
CA VAL A 251 5.99 -14.93 9.19
C VAL A 251 6.94 -16.06 9.57
N ALA A 252 8.24 -15.76 9.63
CA ALA A 252 9.24 -16.77 9.93
C ALA A 252 8.95 -17.43 11.27
N GLY A 253 8.69 -16.60 12.27
CA GLY A 253 8.43 -17.07 13.63
C GLY A 253 7.04 -17.67 13.77
N GLU A 254 6.07 -17.05 13.10
CA GLU A 254 4.78 -17.69 12.90
C GLU A 254 4.98 -19.16 12.56
N ILE A 255 5.84 -19.42 11.59
CA ILE A 255 5.93 -20.75 10.99
C ILE A 255 6.68 -21.71 11.90
N ALA A 256 7.62 -21.18 12.67
CA ALA A 256 8.30 -21.97 13.69
C ALA A 256 7.29 -22.55 14.68
N GLU A 257 6.39 -21.71 15.18
CA GLU A 257 5.35 -22.14 16.11
C GLU A 257 4.55 -23.34 15.60
N ARG A 258 4.23 -23.36 14.31
CA ARG A 258 3.74 -24.57 13.67
C ARG A 258 4.68 -25.73 13.96
N ARG A 259 5.90 -25.65 13.45
CA ARG A 259 6.89 -26.72 13.54
C ARG A 259 7.48 -26.85 14.95
N ARG A 260 6.73 -26.32 15.92
CA ARG A 260 7.00 -26.48 17.35
C ARG A 260 8.42 -26.48 17.87
N GLU A 261 9.27 -25.55 17.45
CA GLU A 261 10.52 -25.39 18.19
C GLU A 261 10.75 -24.05 18.86
N GLU A 262 11.68 -24.06 19.81
CA GLU A 262 12.06 -22.87 20.56
C GLU A 262 13.13 -22.09 19.80
N ARG A 263 12.98 -21.97 18.49
CA ARG A 263 13.95 -21.25 17.66
C ARG A 263 13.44 -20.94 16.25
N VAL A 264 13.88 -19.81 15.69
CA VAL A 264 13.76 -19.55 14.25
C VAL A 264 15.15 -19.62 13.62
N ARG A 265 15.25 -20.26 12.46
CA ARG A 265 16.48 -20.15 11.66
C ARG A 265 16.25 -20.13 10.15
N ARG A 266 17.32 -20.20 9.38
CA ARG A 266 17.27 -19.92 7.95
C ARG A 266 16.02 -20.50 7.29
N GLU A 267 15.71 -21.77 7.55
CA GLU A 267 14.61 -22.44 6.86
C GLU A 267 13.29 -21.69 6.95
N HIS A 268 12.85 -21.40 8.17
CA HIS A 268 11.49 -20.89 8.36
C HIS A 268 11.29 -19.58 7.59
N VAL A 269 12.40 -18.95 7.22
CA VAL A 269 12.37 -17.72 6.43
C VAL A 269 12.02 -18.01 4.98
N TYR A 270 12.75 -18.93 4.36
CA TYR A 270 12.44 -19.36 3.01
C TYR A 270 11.01 -19.87 2.93
N SER A 271 10.64 -20.74 3.85
CA SER A 271 9.27 -21.21 3.94
C SER A 271 8.33 -20.03 4.23
N ALA A 272 8.86 -18.98 4.84
CA ALA A 272 8.10 -17.74 4.96
C ALA A 272 7.87 -17.14 3.58
N ARG A 273 8.94 -16.91 2.83
CA ARG A 273 8.81 -16.40 1.46
C ARG A 273 7.75 -17.18 0.69
N ALA A 274 7.82 -18.50 0.77
CA ALA A 274 6.83 -19.37 0.14
C ALA A 274 5.39 -19.11 0.57
N GLU A 275 5.13 -19.08 1.88
CA GLU A 275 3.77 -18.82 2.36
C GLU A 275 3.23 -17.48 1.88
N ILE A 276 4.08 -16.45 1.89
CA ILE A 276 3.64 -15.10 1.63
C ILE A 276 3.10 -14.93 0.20
N GLU A 277 3.83 -15.46 -0.77
CA GLU A 277 3.46 -15.28 -2.17
C GLU A 277 2.21 -16.07 -2.47
N ARG A 278 2.14 -17.28 -1.95
CA ARG A 278 1.00 -18.16 -2.20
C ARG A 278 -0.29 -17.59 -1.65
N ASP A 279 -0.19 -16.81 -0.58
CA ASP A 279 -1.35 -16.16 0.02
C ASP A 279 -1.70 -14.86 -0.68
N ARG A 280 -0.68 -14.06 -0.98
CA ARG A 280 -0.86 -12.90 -1.84
C ARG A 280 -1.56 -13.30 -3.14
N VAL A 281 -0.99 -14.27 -3.83
CA VAL A 281 -1.54 -14.78 -5.08
C VAL A 281 -2.99 -15.22 -4.93
N SER A 282 -3.23 -16.15 -4.00
CA SER A 282 -4.56 -16.67 -3.79
C SER A 282 -5.54 -15.55 -3.48
N GLU A 283 -5.09 -14.56 -2.71
CA GLU A 283 -5.97 -13.48 -2.29
C GLU A 283 -6.43 -12.64 -3.47
N VAL A 284 -5.53 -12.42 -4.43
CA VAL A 284 -5.90 -11.72 -5.64
C VAL A 284 -6.89 -12.55 -6.44
N VAL A 285 -6.42 -13.70 -6.93
CA VAL A 285 -7.17 -14.48 -7.92
C VAL A 285 -8.56 -14.89 -7.44
N ARG A 286 -8.75 -15.00 -6.13
CA ARG A 286 -10.09 -15.00 -5.55
C ARG A 286 -10.81 -13.67 -5.78
N THR A 287 -10.22 -12.58 -5.33
CA THR A 287 -10.86 -11.26 -5.46
C THR A 287 -10.71 -10.70 -6.87
N LEU A 288 -11.08 -11.51 -7.86
CA LEU A 288 -10.97 -11.10 -9.25
C LEU A 288 -12.32 -11.30 -9.92
N PRO A 289 -12.78 -10.29 -10.67
CA PRO A 289 -13.96 -10.40 -11.51
C PRO A 289 -14.00 -11.68 -12.35
N LEU A 290 -15.21 -12.15 -12.65
CA LEU A 290 -15.41 -13.38 -13.40
C LEU A 290 -14.56 -13.42 -14.66
N HIS A 291 -14.80 -12.48 -15.56
CA HIS A 291 -14.12 -12.48 -16.86
C HIS A 291 -12.63 -12.19 -16.73
N ALA A 292 -12.25 -11.50 -15.66
CA ALA A 292 -10.85 -11.34 -15.30
C ALA A 292 -10.28 -12.72 -15.04
N LYS A 293 -10.98 -13.49 -14.22
CA LYS A 293 -10.59 -14.87 -13.95
C LYS A 293 -10.38 -15.59 -15.27
N LEU A 294 -11.35 -15.48 -16.16
CA LEU A 294 -11.34 -16.29 -17.38
C LEU A 294 -10.17 -15.99 -18.31
N VAL A 295 -9.79 -14.72 -18.41
CA VAL A 295 -8.54 -14.34 -19.07
C VAL A 295 -7.36 -15.06 -18.43
N LEU A 296 -7.20 -14.92 -17.12
CA LEU A 296 -6.12 -15.60 -16.42
C LEU A 296 -6.04 -17.08 -16.82
N LEU A 297 -7.16 -17.78 -16.82
CA LEU A 297 -7.18 -19.16 -17.31
C LEU A 297 -6.61 -19.24 -18.72
N SER A 298 -7.10 -18.39 -19.61
CA SER A 298 -6.66 -18.42 -21.00
C SER A 298 -5.15 -18.30 -21.11
N ILE A 299 -4.55 -17.44 -20.28
CA ILE A 299 -3.10 -17.33 -20.25
C ILE A 299 -2.48 -18.63 -19.75
N MET A 300 -2.93 -19.09 -18.59
CA MET A 300 -2.53 -20.40 -18.07
C MET A 300 -2.49 -21.43 -19.18
N MET A 301 -3.49 -21.39 -20.06
CA MET A 301 -3.73 -22.48 -20.99
C MET A 301 -2.79 -22.43 -22.18
N LEU A 302 -2.28 -21.23 -22.46
CA LEU A 302 -1.44 -20.99 -23.63
C LEU A 302 0.03 -21.06 -23.28
N GLU A 303 0.37 -20.56 -22.10
CA GLU A 303 1.72 -20.63 -21.57
C GLU A 303 2.12 -22.08 -21.31
N ASP A 304 1.24 -23.00 -21.68
CA ASP A 304 1.58 -24.42 -21.81
C ASP A 304 2.55 -24.62 -22.96
N GLY A 305 3.75 -25.07 -22.63
CA GLY A 305 4.89 -24.98 -23.53
C GLY A 305 5.82 -23.82 -23.18
N GLY A 306 6.04 -22.94 -24.15
CA GLY A 306 6.63 -21.64 -23.88
C GLY A 306 5.82 -20.58 -24.61
N ARG A 307 5.39 -20.94 -25.81
CA ARG A 307 4.86 -19.98 -26.78
C ARG A 307 4.05 -18.94 -26.03
N PRO A 308 4.74 -17.93 -25.48
CA PRO A 308 4.08 -16.96 -24.62
C PRO A 308 2.83 -16.50 -25.35
N ALA A 309 1.81 -16.13 -24.59
CA ALA A 309 0.53 -15.77 -25.20
C ALA A 309 0.55 -14.32 -25.67
N SER A 310 0.09 -14.14 -26.91
CA SER A 310 -0.17 -12.82 -27.46
C SER A 310 -1.50 -12.28 -26.96
N THR A 311 -1.56 -10.98 -26.71
CA THR A 311 -2.84 -10.32 -26.50
C THR A 311 -3.89 -10.94 -27.41
N GLY A 312 -3.53 -11.10 -28.69
CA GLY A 312 -4.46 -11.64 -29.67
C GLY A 312 -4.98 -13.01 -29.27
N GLU A 313 -4.07 -13.96 -29.09
CA GLU A 313 -4.44 -15.34 -28.79
C GLU A 313 -5.30 -15.42 -27.54
N ILE A 314 -4.92 -14.64 -26.53
CA ILE A 314 -5.59 -14.68 -25.23
C ILE A 314 -7.08 -14.43 -25.41
N TYR A 315 -7.41 -13.48 -26.27
CA TYR A 315 -8.80 -13.14 -26.58
C TYR A 315 -9.60 -14.33 -27.10
N GLU A 316 -9.05 -15.02 -28.11
CA GLU A 316 -9.84 -15.99 -28.87
C GLU A 316 -10.19 -17.24 -28.07
N ARG A 317 -9.24 -17.78 -27.31
CA ARG A 317 -9.53 -18.88 -26.39
C ARG A 317 -10.23 -18.37 -25.13
N TYR A 318 -10.03 -17.10 -24.81
CA TYR A 318 -10.95 -16.43 -23.90
C TYR A 318 -12.36 -16.52 -24.47
N LYS A 319 -12.53 -16.07 -25.70
CA LYS A 319 -13.80 -16.22 -26.40
C LYS A 319 -14.32 -17.65 -26.30
N GLU A 320 -13.41 -18.61 -26.52
CA GLU A 320 -13.73 -20.02 -26.40
C GLU A 320 -14.29 -20.33 -25.01
N LEU A 321 -13.55 -19.94 -23.97
CA LEU A 321 -13.95 -20.24 -22.61
C LEU A 321 -15.36 -19.77 -22.34
N THR A 322 -15.61 -18.49 -22.57
CA THR A 322 -16.92 -17.90 -22.30
C THR A 322 -18.02 -18.77 -22.91
N SER A 323 -17.96 -18.97 -24.22
CA SER A 323 -18.95 -19.78 -24.92
C SER A 323 -19.07 -21.17 -24.29
N THR A 324 -17.93 -21.82 -24.05
CA THR A 324 -17.91 -23.13 -23.41
C THR A 324 -18.71 -23.11 -22.11
N LEU A 325 -19.07 -21.92 -21.66
CA LEU A 325 -19.87 -21.77 -20.44
C LEU A 325 -21.19 -21.07 -20.74
N GLY A 326 -21.38 -20.69 -21.99
CA GLY A 326 -22.61 -20.04 -22.42
C GLY A 326 -22.76 -18.63 -21.88
N LEU A 327 -21.64 -17.93 -21.76
CA LEU A 327 -21.65 -16.52 -21.36
C LEU A 327 -21.28 -15.58 -22.50
N GLU A 328 -21.99 -14.47 -22.57
CA GLU A 328 -21.49 -13.22 -23.16
C GLU A 328 -19.99 -13.03 -22.97
N HIS A 329 -19.36 -12.24 -23.84
CA HIS A 329 -17.94 -11.94 -23.70
C HIS A 329 -17.65 -10.45 -23.86
N VAL A 330 -16.68 -9.97 -23.08
CA VAL A 330 -16.26 -8.57 -23.14
C VAL A 330 -15.48 -8.27 -24.42
N THR A 331 -14.90 -7.07 -24.49
CA THR A 331 -14.17 -6.63 -25.66
C THR A 331 -12.71 -7.08 -25.63
N LEU A 332 -11.99 -6.89 -26.74
CA LEU A 332 -10.55 -7.08 -26.75
C LEU A 332 -9.92 -5.98 -25.91
N ARG A 333 -10.27 -4.74 -26.24
CA ARG A 333 -9.92 -3.58 -25.44
C ARG A 333 -9.87 -3.88 -23.95
N ARG A 334 -10.92 -4.54 -23.46
CA ARG A 334 -11.05 -4.85 -22.04
C ARG A 334 -10.16 -6.02 -21.64
N VAL A 335 -10.26 -7.12 -22.37
CA VAL A 335 -9.28 -8.18 -22.24
C VAL A 335 -7.90 -7.53 -22.11
N SER A 336 -7.54 -6.71 -23.10
CA SER A 336 -6.27 -5.99 -23.06
C SER A 336 -6.07 -5.27 -21.73
N GLY A 337 -7.06 -4.48 -21.33
CA GLY A 337 -6.99 -3.80 -20.05
C GLY A 337 -6.74 -4.80 -18.93
N ILE A 338 -7.55 -5.85 -18.91
CA ILE A 338 -7.45 -6.87 -17.87
C ILE A 338 -6.04 -7.43 -17.81
N ILE A 339 -5.43 -7.64 -18.97
CA ILE A 339 -4.05 -8.10 -19.00
C ILE A 339 -3.15 -7.17 -18.21
N SER A 340 -3.17 -5.88 -18.57
CA SER A 340 -2.34 -4.90 -17.89
C SER A 340 -2.56 -4.93 -16.38
N GLU A 341 -3.81 -5.07 -15.97
CA GLU A 341 -4.15 -5.22 -14.55
C GLU A 341 -3.42 -6.41 -13.93
N LEU A 342 -3.81 -7.61 -14.38
CA LEU A 342 -3.09 -8.81 -14.00
C LEU A 342 -1.59 -8.55 -13.89
N ASP A 343 -1.02 -7.77 -14.81
CA ASP A 343 0.41 -7.52 -14.79
C ASP A 343 0.84 -6.65 -13.61
N MET A 344 -0.03 -5.73 -13.21
CA MET A 344 0.29 -4.86 -12.09
C MET A 344 0.21 -5.63 -10.78
N LEU A 345 -0.90 -6.31 -10.57
CA LEU A 345 -1.04 -7.25 -9.46
C LEU A 345 0.12 -8.23 -9.39
N GLY A 346 0.96 -8.22 -10.42
CA GLY A 346 2.14 -9.07 -10.47
C GLY A 346 1.79 -10.54 -10.41
N ILE A 347 0.59 -10.86 -10.90
CA ILE A 347 0.13 -12.23 -11.08
C ILE A 347 0.54 -12.72 -12.46
N VAL A 348 0.76 -11.79 -13.38
CA VAL A 348 1.36 -12.08 -14.67
C VAL A 348 2.54 -11.15 -14.89
N LYS A 349 3.37 -11.44 -15.90
CA LYS A 349 4.31 -10.45 -16.39
C LYS A 349 4.34 -10.39 -17.91
N SER A 350 4.35 -9.18 -18.46
CA SER A 350 4.08 -8.97 -19.88
C SER A 350 5.19 -8.16 -20.55
N ARG A 351 5.54 -8.55 -21.77
CA ARG A 351 6.48 -7.79 -22.58
C ARG A 351 5.74 -7.15 -23.74
N VAL A 352 6.18 -5.95 -24.09
CA VAL A 352 5.62 -5.22 -25.23
C VAL A 352 6.63 -5.28 -26.37
N VAL A 353 6.25 -5.95 -27.46
CA VAL A 353 7.19 -6.28 -28.52
C VAL A 353 6.55 -6.37 -29.91
N SER A 354 7.22 -5.77 -30.89
CA SER A 354 6.73 -5.81 -32.28
C SER A 354 7.14 -7.09 -32.97
N ARG A 355 6.30 -7.55 -33.90
CA ARG A 355 6.64 -8.68 -34.76
C ARG A 355 6.87 -8.19 -36.20
N GLY A 356 7.34 -6.96 -36.33
CA GLY A 356 7.67 -6.40 -37.64
C GLY A 356 6.46 -5.88 -38.40
N ARG A 357 6.34 -6.29 -39.66
CA ARG A 357 5.09 -6.12 -40.40
C ARG A 357 4.02 -7.01 -39.80
N TYR A 358 4.43 -7.95 -38.96
CA TYR A 358 3.48 -8.86 -38.35
C TYR A 358 2.75 -8.31 -37.14
N GLY A 359 2.84 -6.99 -36.99
CA GLY A 359 1.98 -6.26 -36.08
C GLY A 359 2.68 -5.93 -34.78
N LYS A 360 1.88 -5.62 -33.77
CA LYS A 360 2.40 -5.21 -32.47
C LYS A 360 1.40 -5.75 -31.45
N THR A 361 1.93 -6.43 -30.45
CA THR A 361 1.09 -7.19 -29.52
C THR A 361 1.84 -7.36 -28.21
N ARG A 362 1.24 -8.08 -27.27
CA ARG A 362 1.94 -8.42 -26.04
C ARG A 362 2.26 -9.90 -25.93
N GLU A 363 3.49 -10.20 -25.52
CA GLU A 363 3.80 -11.51 -24.98
C GLU A 363 3.49 -11.51 -23.50
N VAL A 364 2.45 -12.24 -23.12
CA VAL A 364 2.11 -12.41 -21.72
C VAL A 364 2.60 -13.77 -21.23
N SER A 365 3.19 -13.77 -20.05
CA SER A 365 3.47 -15.04 -19.37
C SER A 365 3.11 -14.92 -17.90
N LEU A 366 2.96 -16.07 -17.26
CA LEU A 366 2.61 -16.15 -15.84
C LEU A 366 3.85 -15.90 -14.98
N ASP A 367 3.74 -15.01 -14.01
CA ASP A 367 4.85 -14.72 -13.11
C ASP A 367 4.73 -15.48 -11.80
N ALA A 368 3.50 -15.68 -11.35
CA ALA A 368 3.26 -16.25 -10.03
C ALA A 368 3.21 -17.79 -10.06
N ASP A 369 3.33 -18.39 -8.88
CA ASP A 369 3.15 -19.82 -8.70
C ASP A 369 1.88 -20.29 -9.39
N ARG A 370 2.02 -21.18 -10.37
CA ARG A 370 0.89 -21.64 -11.18
C ARG A 370 -0.17 -22.38 -10.36
N LEU A 371 0.24 -23.34 -9.55
CA LEU A 371 -0.71 -24.13 -8.78
C LEU A 371 -1.41 -23.29 -7.71
N ALA A 372 -0.69 -22.32 -7.17
CA ALA A 372 -1.33 -21.26 -6.40
C ALA A 372 -2.55 -20.75 -7.15
N VAL A 373 -2.30 -20.13 -8.30
CA VAL A 373 -3.37 -19.61 -9.14
C VAL A 373 -4.48 -20.64 -9.32
N GLU A 374 -4.09 -21.87 -9.65
CA GLU A 374 -5.06 -22.95 -9.87
C GLU A 374 -6.11 -23.07 -8.77
N ASN A 375 -5.73 -23.58 -7.59
CA ASN A 375 -6.71 -23.81 -6.54
C ASN A 375 -7.53 -22.55 -6.31
N ALA A 376 -6.87 -21.41 -6.43
CA ALA A 376 -7.57 -20.14 -6.45
C ALA A 376 -8.73 -20.21 -7.45
N LEU A 377 -8.39 -20.32 -8.73
CA LEU A 377 -9.40 -20.32 -9.78
C LEU A 377 -10.53 -21.29 -9.49
N SER A 378 -10.16 -22.49 -9.01
CA SER A 378 -11.12 -23.56 -8.83
C SER A 378 -12.23 -23.21 -7.84
N GLU A 379 -11.90 -22.39 -6.85
CA GLU A 379 -12.85 -22.02 -5.81
C GLU A 379 -14.04 -21.24 -6.37
N ASP A 380 -13.81 -20.46 -7.41
CA ASP A 380 -14.92 -19.91 -8.19
C ASP A 380 -15.57 -21.00 -9.02
N PRO A 381 -16.88 -21.17 -8.85
CA PRO A 381 -17.64 -22.31 -9.37
C PRO A 381 -17.87 -22.23 -10.86
N PHE A 382 -17.43 -21.15 -11.49
CA PHE A 382 -17.53 -21.04 -12.94
C PHE A 382 -16.30 -21.56 -13.66
N VAL A 383 -15.15 -20.94 -13.42
CA VAL A 383 -13.91 -21.43 -14.00
C VAL A 383 -13.74 -22.90 -13.68
N ALA A 384 -14.09 -23.30 -12.47
CA ALA A 384 -13.90 -24.67 -12.03
C ALA A 384 -14.36 -25.64 -13.10
N ARG A 385 -15.52 -25.35 -13.70
CA ARG A 385 -16.13 -26.22 -14.69
C ARG A 385 -15.14 -26.59 -15.80
N LEU A 386 -14.39 -25.59 -16.26
CA LEU A 386 -13.33 -25.81 -17.24
C LEU A 386 -12.19 -26.58 -16.61
N LEU A 387 -12.53 -27.32 -15.55
CA LEU A 387 -11.72 -28.43 -15.04
C LEU A 387 -10.22 -28.12 -15.00
#